data_2ZDA
#
_entry.id   2ZDA
#
_cell.length_a   70.3
_cell.length_b   71.5
_cell.length_c   72.4
_cell.angle_alpha   90.00
_cell.angle_beta   100.5
_cell.angle_gamma   90.00
#
_symmetry.space_group_name_H-M   'C 1 2 1'
#
loop_
_entity.id
_entity.type
_entity.pdbx_description
1 polymer 'Thrombin Light Chain'
2 polymer 'Thrombin Heavy Chain'
3 polymer 'Hirudin variant-1'
4 non-polymer 'SODIUM ION'
5 non-polymer 'PHOSPHATE ION'
6 non-polymer D-phenylalanyl-N-{4-[amino(iminio)methyl]benzyl}-L-prolinamide
7 water water
#
loop_
_entity_poly.entity_id
_entity_poly.type
_entity_poly.pdbx_seq_one_letter_code
_entity_poly.pdbx_strand_id
1 'polypeptide(L)' TFGSGEADCGLRPLFEKKSLEDKTERELLESYIDGR L
2 'polypeptide(L)'
;IVEGSDAEIGMSPWQVMLFRKSPQELLCGASLISDRWVLTAAHCLLYPPWDKNFTENDLLVRIGKHSRTRYERNIEKISM
LEKIYIHPRYNWRENLDRDIALMKLKKPVAFSDYIHPVCLPDRETAASLLQAGYKGRVTGWGNLKETWTANVGKGQPSVL
QVVNLPIVERPVCKDSTRIRITDNMFCAGYKPDEGKRGDACEGDSGGPFVMKSPFNNRWYQMGIVSWGEGCDRDGKYGFY
THVFRLKKWIQKVIDQFGE
;
H
3 'polypeptide(L)' GDFEEIPEE(TYS)L I
#
loop_
_chem_comp.id
_chem_comp.type
_chem_comp.name
_chem_comp.formula
32U peptide-like D-phenylalanyl-N-{4-[amino(iminio)methyl]benzyl}-L-prolinamide 'C22 H28 N5 O2 1'
NA non-polymer 'SODIUM ION' 'Na 1'
PO4 non-polymer 'PHOSPHATE ION' 'O4 P -3'
#
# COMPACT_ATOMS: atom_id res chain seq x y z
N GLU A 6 7.25 5.10 14.62
CA GLU A 6 6.76 5.17 15.98
C GLU A 6 7.20 3.96 16.80
N ALA A 7 7.48 4.21 18.07
CA ALA A 7 7.90 3.18 19.01
C ALA A 7 7.00 1.95 18.92
N ASP A 8 5.72 2.18 18.70
CA ASP A 8 4.67 1.20 18.66
C ASP A 8 4.29 0.77 17.25
N CYS A 9 5.04 1.23 16.26
CA CYS A 9 4.64 0.98 14.88
C CYS A 9 4.48 -0.50 14.60
N GLY A 10 3.61 -0.90 13.67
CA GLY A 10 3.59 -2.27 13.18
C GLY A 10 3.03 -3.30 14.15
N LEU A 11 2.45 -2.86 15.26
CA LEU A 11 1.82 -3.73 16.23
C LEU A 11 0.33 -3.42 16.25
N ARG A 12 -0.46 -4.38 15.76
CA ARG A 12 -1.87 -4.03 15.56
C ARG A 12 -2.66 -4.13 16.85
N PRO A 13 -3.46 -3.12 17.16
CA PRO A 13 -4.27 -3.20 18.39
C PRO A 13 -5.13 -4.44 18.49
N LEU A 14 -5.67 -4.94 17.37
CA LEU A 14 -6.64 -6.05 17.47
C LEU A 14 -5.95 -7.40 17.24
N PHE A 15 -4.65 -7.42 17.00
CA PHE A 15 -3.91 -8.67 16.82
C PHE A 15 -2.68 -8.74 17.72
N GLU A 16 -1.50 -8.28 17.30
CA GLU A 16 -0.32 -8.31 18.14
C GLU A 16 -0.52 -7.74 19.52
N LYS A 17 -1.27 -6.63 19.63
CA LYS A 17 -1.33 -6.03 20.98
C LYS A 17 -2.10 -6.89 21.97
N LYS A 18 -2.95 -7.79 21.50
CA LYS A 18 -3.63 -8.67 22.44
C LYS A 18 -3.27 -10.13 22.16
N SER A 19 -2.12 -10.32 21.51
CA SER A 19 -1.65 -11.68 21.17
C SER A 19 -2.71 -12.48 20.43
N LEU A 20 -3.39 -11.89 19.44
CA LEU A 20 -4.24 -12.68 18.56
C LEU A 20 -3.60 -12.77 17.18
N GLU A 21 -3.71 -13.90 16.49
CA GLU A 21 -3.19 -13.97 15.12
C GLU A 21 -4.31 -13.89 14.10
N ASP A 22 -4.00 -13.26 12.96
CA ASP A 22 -4.99 -13.24 11.89
C ASP A 22 -4.95 -14.56 11.13
N LYS A 23 -5.93 -14.74 10.23
CA LYS A 23 -6.12 -16.05 9.63
C LYS A 23 -5.04 -16.47 8.65
N THR A 24 -4.21 -15.57 8.13
CA THR A 24 -3.23 -16.04 7.15
C THR A 24 -1.82 -15.56 7.44
N GLU A 25 -1.58 -14.88 8.56
CA GLU A 25 -0.19 -14.47 8.82
C GLU A 25 0.77 -15.64 8.97
N ARG A 26 0.29 -16.81 9.38
CA ARG A 26 1.22 -17.93 9.47
C ARG A 26 1.75 -18.34 8.11
N GLU A 27 0.98 -18.12 7.03
CA GLU A 27 1.49 -18.38 5.67
C GLU A 27 2.76 -17.58 5.38
N LEU A 28 2.79 -16.32 5.87
CA LEU A 28 4.01 -15.54 5.69
C LEU A 28 5.15 -16.14 6.51
N LEU A 29 4.84 -16.43 7.79
CA LEU A 29 5.93 -16.94 8.65
C LEU A 29 6.58 -18.17 8.00
N GLU A 30 5.74 -19.04 7.45
CA GLU A 30 6.22 -20.34 6.94
C GLU A 30 7.10 -20.15 5.71
N SER A 31 6.95 -19.01 5.04
CA SER A 31 7.79 -18.69 3.88
C SER A 31 9.12 -18.09 4.30
N TYR A 32 9.30 -17.66 5.56
CA TYR A 32 10.59 -17.05 5.95
C TYR A 32 11.52 -18.15 6.41
N ILE A 33 12.13 -18.86 5.48
CA ILE A 33 12.74 -20.16 5.67
C ILE A 33 14.25 -20.09 5.94
N ASP A 34 14.77 -20.99 6.74
CA ASP A 34 14.13 -22.02 7.54
C ASP A 34 13.30 -21.41 8.67
N ILE B 1 -7.64 -5.91 -5.81
CA ILE B 1 -6.95 -7.17 -5.55
C ILE B 1 -7.66 -8.32 -6.25
N VAL B 2 -6.97 -9.08 -7.07
CA VAL B 2 -7.51 -10.25 -7.73
C VAL B 2 -7.18 -11.53 -6.96
N GLU B 3 -8.18 -12.37 -6.72
CA GLU B 3 -8.01 -13.69 -6.11
C GLU B 3 -7.50 -13.53 -4.69
N GLY B 4 -7.94 -12.44 -4.06
CA GLY B 4 -7.61 -12.27 -2.64
C GLY B 4 -8.81 -12.67 -1.80
N SER B 5 -8.86 -12.22 -0.56
CA SER B 5 -10.01 -12.50 0.30
C SER B 5 -10.41 -11.26 1.08
N ASP B 6 -11.59 -11.23 1.68
CA ASP B 6 -11.95 -10.09 2.51
C ASP B 6 -10.98 -9.94 3.68
N ALA B 7 -10.60 -8.73 4.03
CA ALA B 7 -9.82 -8.48 5.24
C ALA B 7 -10.58 -8.78 6.53
N GLU B 8 -9.89 -9.14 7.60
CA GLU B 8 -10.51 -9.17 8.93
C GLU B 8 -10.58 -7.75 9.46
N ILE B 9 -11.48 -7.46 10.43
CA ILE B 9 -11.46 -6.13 11.02
C ILE B 9 -10.15 -5.79 11.70
N GLY B 10 -9.56 -4.60 11.43
CA GLY B 10 -8.34 -4.24 12.14
C GLY B 10 -7.11 -4.96 11.62
N MET B 11 -7.19 -5.70 10.51
CA MET B 11 -6.07 -6.48 9.98
C MET B 11 -4.95 -5.64 9.35
N SER B 12 -5.32 -4.47 8.83
CA SER B 12 -4.43 -3.53 8.17
C SER B 12 -4.70 -2.11 8.61
N PRO B 13 -4.43 -1.81 9.86
CA PRO B 13 -4.91 -0.54 10.44
C PRO B 13 -4.13 0.66 9.93
N TRP B 14 -3.09 0.37 9.12
CA TRP B 14 -2.33 1.43 8.46
C TRP B 14 -2.88 1.71 7.06
N GLN B 15 -3.90 0.97 6.62
CA GLN B 15 -4.42 1.15 5.26
C GLN B 15 -5.13 2.50 5.15
N VAL B 16 -4.80 3.22 4.10
CA VAL B 16 -5.36 4.55 3.88
C VAL B 16 -6.07 4.53 2.54
N MET B 17 -7.22 5.19 2.48
CA MET B 17 -7.88 5.36 1.17
C MET B 17 -7.69 6.79 0.69
N LEU B 18 -7.13 7.06 -0.47
CA LEU B 18 -7.04 8.40 -1.02
C LEU B 18 -8.36 8.67 -1.74
N PHE B 19 -9.06 9.74 -1.38
CA PHE B 19 -10.44 9.89 -1.90
C PHE B 19 -10.61 11.18 -2.70
N ARG B 20 -11.19 11.10 -3.89
CA ARG B 20 -11.32 12.37 -4.65
C ARG B 20 -12.53 13.15 -4.13
N LYS B 21 -12.40 14.46 -3.91
CA LYS B 21 -13.44 15.32 -3.38
C LYS B 21 -14.58 15.49 -4.38
N SER B 22 -14.28 15.54 -5.67
CA SER B 22 -15.40 15.73 -6.61
C SER B 22 -15.00 15.39 -8.03
N PRO B 23 -15.57 14.38 -8.69
CA PRO B 23 -16.59 13.48 -8.17
C PRO B 23 -16.01 12.56 -7.08
N GLN B 24 -16.85 12.26 -6.11
CA GLN B 24 -16.43 11.53 -4.93
C GLN B 24 -16.15 10.10 -5.35
N GLU B 25 -14.86 9.74 -5.32
CA GLU B 25 -14.47 8.41 -5.72
C GLU B 25 -13.11 8.01 -5.11
N LEU B 26 -12.89 6.70 -5.14
CA LEU B 26 -11.61 6.21 -4.66
C LEU B 26 -10.54 6.65 -5.65
N LEU B 27 -9.43 7.18 -5.14
CA LEU B 27 -8.38 7.44 -6.13
C LEU B 27 -7.26 6.41 -6.04
N CYS B 28 -6.93 5.98 -4.83
CA CYS B 28 -5.73 5.14 -4.68
C CYS B 28 -5.71 4.58 -3.27
N GLY B 29 -4.80 3.65 -3.02
CA GLY B 29 -4.48 3.26 -1.64
C GLY B 29 -3.29 4.08 -1.16
N ALA B 30 -2.94 3.89 0.10
CA ALA B 30 -1.88 4.60 0.78
C ALA B 30 -1.64 3.95 2.15
N SER B 31 -0.65 4.46 2.87
CA SER B 31 -0.41 3.90 4.19
C SER B 31 -0.04 4.95 5.23
N LEU B 32 -0.44 4.65 6.45
CA LEU B 32 -0.13 5.55 7.57
C LEU B 32 1.20 5.21 8.19
N ILE B 33 2.11 6.18 8.23
CA ILE B 33 3.42 5.85 8.80
C ILE B 33 3.72 6.63 10.07
N SER B 34 2.83 7.54 10.43
CA SER B 34 2.90 8.24 11.70
C SER B 34 1.58 8.99 11.89
N ASP B 35 1.42 9.79 12.96
CA ASP B 35 0.11 10.43 13.10
C ASP B 35 -0.12 11.56 12.12
N ARG B 36 0.92 12.03 11.39
CA ARG B 36 0.73 13.10 10.42
C ARG B 36 1.30 12.77 9.03
N TRP B 37 1.87 11.59 8.79
CA TRP B 37 2.43 11.32 7.45
C TRP B 37 1.83 10.08 6.81
N VAL B 38 1.49 10.19 5.53
CA VAL B 38 0.93 9.11 4.73
C VAL B 38 1.83 8.87 3.51
N LEU B 39 2.07 7.62 3.22
CA LEU B 39 2.92 7.17 2.11
C LEU B 39 2.04 6.66 0.98
N THR B 40 2.38 7.00 -0.28
CA THR B 40 1.66 6.46 -1.41
C THR B 40 2.59 6.34 -2.62
N ALA B 41 2.00 6.01 -3.76
CA ALA B 41 2.72 6.01 -5.02
C ALA B 41 2.64 7.38 -5.70
N ALA B 42 3.75 7.83 -6.27
CA ALA B 42 3.71 9.12 -6.96
C ALA B 42 2.69 9.12 -8.09
N HIS B 43 2.51 8.01 -8.80
CA HIS B 43 1.62 7.98 -9.95
C HIS B 43 0.17 8.19 -9.51
N CYS B 44 -0.10 8.03 -8.22
CA CYS B 44 -1.42 8.32 -7.69
C CYS B 44 -1.72 9.81 -7.78
N LEU B 45 -0.66 10.61 -7.81
CA LEU B 45 -0.85 12.05 -7.69
C LEU B 45 -0.43 12.76 -8.97
N LEU B 46 0.57 12.18 -9.62
CA LEU B 46 1.08 12.84 -10.84
C LEU B 46 1.36 11.85 -11.95
N TYR B 47 0.66 11.95 -13.09
CA TYR B 47 0.93 11.08 -14.21
C TYR B 47 0.48 11.80 -15.49
N PRO B 48 1.33 12.72 -15.92
CA PRO B 48 1.00 13.52 -17.10
C PRO B 48 0.52 12.75 -18.31
N PRO B 49 0.96 11.58 -18.76
CA PRO B 49 0.31 10.92 -19.88
C PRO B 49 -1.20 10.74 -19.74
N TRP B 50 -1.70 10.70 -18.51
CA TRP B 50 -3.13 10.56 -18.31
C TRP B 50 -3.78 11.84 -17.81
N ASP B 51 -3.07 12.96 -17.91
CA ASP B 51 -3.58 14.25 -17.47
C ASP B 51 -3.83 14.30 -15.97
N LYS B 52 -3.08 13.48 -15.24
CA LYS B 52 -3.25 13.45 -13.78
C LYS B 52 -2.21 14.31 -13.08
N ASN B 53 -2.69 15.28 -12.30
CA ASN B 53 -1.84 16.15 -11.50
C ASN B 53 -2.68 16.66 -10.33
N PHE B 54 -2.80 15.89 -9.25
CA PHE B 54 -3.70 16.38 -8.18
C PHE B 54 -2.96 17.36 -7.28
N THR B 55 -3.70 18.32 -6.74
CA THR B 55 -3.14 19.23 -5.73
C THR B 55 -3.78 18.89 -4.38
N GLU B 56 -3.24 19.43 -3.31
CA GLU B 56 -3.69 19.11 -1.95
C GLU B 56 -5.20 19.23 -1.84
N ASN B 57 -5.75 20.35 -2.32
CA ASN B 57 -7.17 20.62 -2.09
C ASN B 57 -8.08 19.69 -2.89
N ASP B 58 -7.56 18.85 -3.77
CA ASP B 58 -8.34 17.97 -4.60
C ASP B 58 -8.76 16.68 -3.88
N LEU B 59 -8.10 16.39 -2.76
CA LEU B 59 -8.12 15.09 -2.11
C LEU B 59 -8.44 15.09 -0.61
N LEU B 60 -8.88 13.94 -0.14
CA LEU B 60 -9.01 13.59 1.27
C LEU B 60 -8.33 12.25 1.55
N VAL B 61 -7.83 12.07 2.76
CA VAL B 61 -7.32 10.81 3.26
C VAL B 61 -8.37 10.22 4.20
N ARG B 62 -8.77 8.98 3.97
CA ARG B 62 -9.71 8.29 4.84
C ARG B 62 -9.02 7.08 5.49
N ILE B 63 -9.00 7.07 6.80
CA ILE B 63 -8.18 6.16 7.59
C ILE B 63 -9.07 5.36 8.52
N GLY B 64 -8.75 4.08 8.73
CA GLY B 64 -9.55 3.25 9.59
C GLY B 64 -10.66 2.52 8.87
N LYS B 65 -10.64 2.52 7.53
CA LYS B 65 -11.73 1.94 6.78
C LYS B 65 -11.64 0.43 6.53
N HIS B 66 -12.82 -0.09 6.24
CA HIS B 66 -13.01 -1.50 5.89
C HIS B 66 -13.91 -1.60 4.68
N SER B 67 -15.15 -1.13 4.81
CA SER B 67 -16.04 -0.97 3.69
C SER B 67 -15.50 0.02 2.65
N ARG B 68 -15.60 -0.34 1.37
CA ARG B 68 -15.15 0.52 0.28
C ARG B 68 -16.00 1.79 0.15
N THR B 69 -17.30 1.64 0.00
CA THR B 69 -18.12 2.81 -0.31
C THR B 69 -18.80 3.47 0.87
N ARG B 70 -18.92 2.72 1.99
CA ARG B 70 -19.73 3.27 3.09
C ARG B 70 -19.00 4.32 3.90
N TYR B 71 -19.74 5.28 4.47
CA TYR B 71 -19.14 6.17 5.46
C TYR B 71 -19.23 5.45 6.82
N GLU B 72 -18.06 5.19 7.40
CA GLU B 72 -17.97 4.31 8.59
C GLU B 72 -17.90 5.16 9.83
N ARG B 73 -19.11 5.66 10.10
CA ARG B 73 -19.32 6.55 11.21
C ARG B 73 -18.74 5.99 12.51
N ASN B 74 -18.03 6.78 13.27
CA ASN B 74 -17.43 6.47 14.55
C ASN B 74 -16.22 5.54 14.43
N ILE B 75 -15.77 5.29 13.20
CA ILE B 75 -14.65 4.37 13.02
C ILE B 75 -13.63 5.04 12.12
N GLU B 76 -14.04 5.36 10.89
CA GLU B 76 -13.05 6.01 10.00
C GLU B 76 -12.86 7.45 10.45
N LYS B 77 -11.73 7.99 10.02
CA LYS B 77 -11.38 9.38 10.26
C LYS B 77 -10.96 9.97 8.90
N ILE B 78 -11.45 11.16 8.61
CA ILE B 78 -11.21 11.79 7.30
C ILE B 78 -10.29 12.99 7.49
N SER B 79 -9.22 13.08 6.70
CA SER B 79 -8.20 14.08 7.01
C SER B 79 -7.91 14.90 5.75
N MET B 80 -7.59 16.18 5.97
CA MET B 80 -7.20 17.07 4.88
C MET B 80 -5.69 17.09 4.73
N LEU B 81 -5.25 17.34 3.48
CA LEU B 81 -3.81 17.39 3.24
CA LEU B 81 -3.82 17.39 3.20
C LEU B 81 -3.26 18.81 3.36
N GLU B 82 -2.19 18.90 4.10
CA GLU B 82 -1.37 20.10 4.26
C GLU B 82 -0.48 20.24 3.01
N LYS B 83 0.26 19.20 2.65
CA LYS B 83 1.21 19.28 1.55
C LYS B 83 1.51 17.91 0.96
N ILE B 84 1.71 17.87 -0.35
CA ILE B 84 2.19 16.68 -1.04
C ILE B 84 3.66 16.81 -1.38
N TYR B 85 4.44 15.73 -1.27
CA TYR B 85 5.84 15.69 -1.64
C TYR B 85 6.09 14.50 -2.59
N ILE B 86 6.48 14.80 -3.83
CA ILE B 86 6.76 13.69 -4.74
C ILE B 86 8.26 13.54 -4.88
N HIS B 87 8.75 12.32 -5.00
CA HIS B 87 10.18 12.13 -5.26
C HIS B 87 10.65 12.99 -6.44
N PRO B 88 11.71 13.77 -6.25
CA PRO B 88 12.17 14.66 -7.32
C PRO B 88 12.71 13.91 -8.53
N ARG B 89 13.05 12.64 -8.44
CA ARG B 89 13.49 11.85 -9.60
C ARG B 89 12.48 10.75 -9.93
N TYR B 90 11.22 10.87 -9.49
CA TYR B 90 10.15 10.00 -10.00
C TYR B 90 10.08 10.06 -11.52
N ASN B 91 10.17 8.88 -12.15
CA ASN B 91 10.25 8.80 -13.62
C ASN B 91 8.90 8.43 -14.21
N TRP B 92 8.01 9.43 -14.35
CA TRP B 92 6.74 9.19 -15.01
C TRP B 92 6.87 9.08 -16.53
N ARG B 93 8.00 9.53 -17.08
CA ARG B 93 8.09 9.45 -18.55
C ARG B 93 8.30 8.04 -19.06
N GLU B 94 9.04 7.22 -18.26
CA GLU B 94 9.42 5.92 -18.80
C GLU B 94 8.83 4.72 -18.06
N ASN B 95 9.31 4.47 -16.85
CA ASN B 95 8.99 3.20 -16.18
C ASN B 95 8.55 3.34 -14.72
N LEU B 96 8.18 4.53 -14.26
CA LEU B 96 7.69 4.73 -12.88
C LEU B 96 8.81 4.45 -11.90
N ASP B 97 10.06 4.59 -12.32
CA ASP B 97 11.16 4.51 -11.36
C ASP B 97 10.93 5.50 -10.20
N ARG B 98 11.13 5.08 -8.95
CA ARG B 98 11.04 5.91 -7.76
C ARG B 98 9.61 6.42 -7.61
N ASP B 99 8.69 5.47 -7.70
CA ASP B 99 7.25 5.78 -7.64
C ASP B 99 6.80 5.92 -6.20
N ILE B 100 7.06 7.08 -5.61
CA ILE B 100 6.84 7.23 -4.17
C ILE B 100 6.51 8.70 -3.92
N ALA B 101 5.61 8.98 -3.00
CA ALA B 101 5.20 10.32 -2.62
C ALA B 101 4.77 10.27 -1.14
N LEU B 102 4.93 11.38 -0.45
CA LEU B 102 4.48 11.55 0.93
C LEU B 102 3.41 12.63 1.00
N MET B 103 2.51 12.50 1.97
CA MET B 103 1.49 13.52 2.17
C MET B 103 1.50 13.88 3.64
N LYS B 104 1.59 15.16 3.98
CA LYS B 104 1.50 15.55 5.38
C LYS B 104 0.05 15.95 5.65
N LEU B 105 -0.50 15.53 6.78
CA LEU B 105 -1.88 15.91 7.11
C LEU B 105 -1.92 17.24 7.83
N LYS B 106 -3.03 17.96 7.67
CA LYS B 106 -3.25 19.23 8.35
C LYS B 106 -3.19 19.09 9.87
N LYS B 107 -3.79 18.02 10.37
CA LYS B 107 -3.67 17.76 11.81
C LYS B 107 -3.46 16.26 12.05
N PRO B 108 -2.86 15.94 13.18
CA PRO B 108 -2.52 14.54 13.53
C PRO B 108 -3.76 13.68 13.66
N VAL B 109 -3.69 12.43 13.20
CA VAL B 109 -4.90 11.60 13.31
C VAL B 109 -4.85 10.84 14.64
N ALA B 110 -6.00 10.57 15.25
CA ALA B 110 -6.05 9.83 16.50
C ALA B 110 -5.96 8.32 16.26
N PHE B 111 -5.01 7.66 16.92
CA PHE B 111 -4.86 6.22 16.74
C PHE B 111 -6.00 5.53 17.49
N SER B 112 -6.34 4.32 17.05
CA SER B 112 -7.47 3.61 17.61
C SER B 112 -7.33 2.13 17.35
N ASP B 113 -8.34 1.33 17.69
CA ASP B 113 -8.24 -0.07 17.29
C ASP B 113 -8.11 -0.28 15.79
N TYR B 114 -8.53 0.69 14.98
CA TYR B 114 -8.64 0.57 13.54
C TYR B 114 -7.62 1.42 12.78
N ILE B 115 -6.94 2.26 13.52
CA ILE B 115 -6.01 3.23 12.95
C ILE B 115 -4.65 3.16 13.63
N HIS B 116 -3.59 2.75 12.94
CA HIS B 116 -2.31 2.52 13.59
C HIS B 116 -1.21 2.46 12.54
N PRO B 117 -0.08 3.08 12.81
CA PRO B 117 0.92 3.19 11.75
C PRO B 117 1.74 1.91 11.60
N VAL B 118 2.20 1.70 10.36
CA VAL B 118 3.07 0.56 10.03
C VAL B 118 4.52 1.02 10.16
N CYS B 119 5.47 0.08 10.31
CA CYS B 119 6.86 0.44 10.40
C CYS B 119 7.52 0.54 9.02
N LEU B 120 8.56 1.39 8.94
CA LEU B 120 9.36 1.35 7.71
C LEU B 120 10.64 0.57 8.01
N PRO B 121 11.11 -0.19 7.05
CA PRO B 121 12.25 -1.07 7.29
C PRO B 121 13.58 -0.33 7.42
N ASP B 122 14.47 -0.87 8.25
CA ASP B 122 15.86 -0.40 8.19
C ASP B 122 16.63 -1.43 7.38
N ARG B 123 17.91 -1.17 7.12
CA ARG B 123 18.67 -1.98 6.20
C ARG B 123 18.67 -3.47 6.50
N GLU B 124 18.66 -3.84 7.78
CA GLU B 124 18.78 -5.25 8.17
C GLU B 124 17.50 -6.01 7.97
N THR B 125 16.37 -5.44 8.38
CA THR B 125 15.10 -6.12 8.11
C THR B 125 14.92 -6.29 6.62
N ALA B 126 15.30 -5.26 5.85
CA ALA B 126 15.08 -5.41 4.42
C ALA B 126 15.97 -6.52 3.86
N ALA B 127 17.21 -6.50 4.34
CA ALA B 127 18.15 -7.50 3.83
C ALA B 127 17.63 -8.87 4.21
N SER B 128 17.10 -8.97 5.44
CA SER B 128 16.61 -10.26 5.91
C SER B 128 15.32 -10.75 5.24
N LEU B 129 14.36 -9.88 4.98
CA LEU B 129 13.08 -10.31 4.46
C LEU B 129 12.86 -10.23 2.96
N LEU B 130 13.57 -9.31 2.29
CA LEU B 130 13.31 -9.11 0.86
C LEU B 130 14.06 -10.12 0.01
N GLN B 131 13.65 -11.37 0.08
CA GLN B 131 14.27 -12.52 -0.55
C GLN B 131 13.29 -13.25 -1.43
N ALA B 132 13.69 -13.74 -2.61
CA ALA B 132 12.76 -14.54 -3.40
C ALA B 132 12.14 -15.66 -2.60
N GLY B 133 10.83 -15.86 -2.68
CA GLY B 133 10.19 -16.95 -1.97
C GLY B 133 9.48 -16.48 -0.70
N TYR B 134 10.06 -15.46 -0.08
CA TYR B 134 9.43 -14.91 1.12
C TYR B 134 8.17 -14.17 0.74
N LYS B 135 7.11 -14.34 1.51
CA LYS B 135 5.82 -13.74 1.17
C LYS B 135 5.59 -12.45 1.92
N GLY B 136 4.93 -11.53 1.22
CA GLY B 136 4.38 -10.32 1.84
C GLY B 136 2.88 -10.31 1.58
N ARG B 137 2.25 -9.23 2.02
CA ARG B 137 0.81 -9.09 2.01
C ARG B 137 0.44 -7.76 1.37
N VAL B 138 -0.50 -7.82 0.41
CA VAL B 138 -0.93 -6.57 -0.23
C VAL B 138 -2.42 -6.43 0.00
N THR B 139 -2.85 -5.18 0.22
CA THR B 139 -4.22 -4.89 0.60
C THR B 139 -4.75 -3.73 -0.23
N GLY B 140 -6.06 -3.74 -0.50
CA GLY B 140 -6.62 -2.58 -1.19
C GLY B 140 -8.09 -2.71 -1.56
N TRP B 141 -8.67 -1.63 -2.08
CA TRP B 141 -10.03 -1.67 -2.59
C TRP B 141 -10.17 -1.60 -4.10
N GLY B 142 -9.15 -1.95 -4.85
CA GLY B 142 -9.10 -1.91 -6.30
C GLY B 142 -9.85 -3.05 -6.96
N ASN B 143 -9.79 -3.05 -8.29
CA ASN B 143 -10.55 -4.03 -9.04
C ASN B 143 -10.33 -5.47 -8.62
N LEU B 144 -11.40 -6.24 -8.64
CA LEU B 144 -11.33 -7.68 -8.37
C LEU B 144 -10.90 -8.49 -9.59
N LYS B 145 -10.97 -7.87 -10.77
CA LYS B 145 -10.59 -8.53 -12.01
C LYS B 145 -9.99 -7.48 -12.95
N GLU B 146 -9.19 -7.98 -13.89
CA GLU B 146 -8.53 -7.13 -14.86
C GLU B 146 -9.55 -6.32 -15.67
N THR B 147 -10.52 -7.05 -16.21
CA THR B 147 -11.58 -6.52 -17.05
C THR B 147 -12.72 -7.53 -17.04
N GLY B 155 -16.07 -6.38 -10.11
CA GLY B 155 -15.96 -5.12 -9.39
C GLY B 155 -14.55 -4.81 -8.96
N GLN B 156 -14.30 -4.06 -7.92
CA GLN B 156 -15.01 -3.28 -6.93
C GLN B 156 -15.63 -4.19 -5.88
N PRO B 157 -14.81 -4.39 -4.84
CA PRO B 157 -15.22 -5.18 -3.67
C PRO B 157 -16.07 -4.38 -2.70
N SER B 158 -16.84 -5.09 -1.88
CA SER B 158 -17.59 -4.43 -0.82
C SER B 158 -16.67 -3.98 0.31
N VAL B 159 -15.63 -4.79 0.59
CA VAL B 159 -14.75 -4.41 1.69
C VAL B 159 -13.27 -4.63 1.31
N LEU B 160 -12.39 -4.04 2.11
CA LEU B 160 -10.94 -4.24 1.91
C LEU B 160 -10.55 -5.67 1.65
N GLN B 161 -9.67 -5.85 0.66
CA GLN B 161 -9.25 -7.16 0.20
C GLN B 161 -7.79 -7.39 0.58
N VAL B 162 -7.43 -8.66 0.74
N VAL B 162 -7.40 -8.64 0.77
CA VAL B 162 -6.09 -9.05 1.15
CA VAL B 162 -6.01 -8.93 1.14
C VAL B 162 -5.55 -10.19 0.29
C VAL B 162 -5.52 -10.16 0.37
N VAL B 163 -4.25 -10.16 -0.02
CA VAL B 163 -3.67 -11.35 -0.66
C VAL B 163 -2.18 -11.47 -0.29
N ASN B 164 -1.70 -12.67 -0.01
CA ASN B 164 -0.28 -12.88 0.30
C ASN B 164 0.43 -13.41 -0.94
N LEU B 165 1.58 -12.84 -1.24
CA LEU B 165 2.28 -13.14 -2.49
C LEU B 165 3.78 -13.26 -2.26
N PRO B 166 4.44 -14.21 -2.90
CA PRO B 166 5.88 -14.38 -2.74
C PRO B 166 6.69 -13.45 -3.63
N ILE B 167 7.77 -12.94 -3.07
CA ILE B 167 8.71 -12.10 -3.83
C ILE B 167 9.33 -12.96 -4.92
N VAL B 168 9.58 -12.40 -6.09
CA VAL B 168 10.11 -13.19 -7.21
C VAL B 168 11.54 -12.79 -7.53
N GLU B 169 12.35 -13.75 -8.00
CA GLU B 169 13.74 -13.49 -8.30
C GLU B 169 13.89 -12.41 -9.36
N ARG B 170 14.86 -11.50 -9.21
CA ARG B 170 14.98 -10.35 -10.10
C ARG B 170 15.13 -10.79 -11.56
N PRO B 171 15.88 -11.80 -11.94
CA PRO B 171 15.89 -12.25 -13.35
C PRO B 171 14.54 -12.67 -13.91
N VAL B 172 13.68 -13.34 -13.14
CA VAL B 172 12.32 -13.70 -13.57
C VAL B 172 11.44 -12.46 -13.71
N CYS B 173 11.56 -11.50 -12.78
CA CYS B 173 10.93 -10.20 -12.92
C CYS B 173 11.31 -9.57 -14.28
N LYS B 174 12.61 -9.49 -14.51
CA LYS B 174 13.12 -8.84 -15.73
C LYS B 174 12.65 -9.50 -17.02
N ASP B 175 12.70 -10.83 -17.01
CA ASP B 175 12.28 -11.62 -18.18
C ASP B 175 10.79 -11.67 -18.39
N SER B 176 9.99 -11.08 -17.50
CA SER B 176 8.56 -11.18 -17.71
C SER B 176 7.98 -9.97 -18.44
N THR B 177 8.81 -8.96 -18.69
CA THR B 177 8.31 -7.70 -19.22
C THR B 177 9.32 -7.07 -20.18
N ARG B 178 8.79 -6.16 -21.01
CA ARG B 178 9.68 -5.38 -21.85
C ARG B 178 10.03 -4.04 -21.20
N ILE B 179 9.35 -3.68 -20.10
CA ILE B 179 9.67 -2.44 -19.39
C ILE B 179 11.01 -2.57 -18.67
N ARG B 180 11.81 -1.51 -18.66
CA ARG B 180 13.08 -1.52 -17.95
C ARG B 180 12.88 -1.51 -16.43
N ILE B 181 13.30 -2.57 -15.75
CA ILE B 181 13.21 -2.69 -14.28
C ILE B 181 14.39 -2.03 -13.57
N THR B 182 14.24 -1.44 -12.39
CA THR B 182 15.36 -0.84 -11.69
C THR B 182 15.47 -1.39 -10.26
N ASP B 183 16.60 -1.07 -9.61
CA ASP B 183 16.80 -1.50 -8.24
C ASP B 183 15.79 -0.89 -7.28
N ASN B 184 15.08 0.14 -7.72
CA ASN B 184 14.05 0.77 -6.86
C ASN B 184 12.70 0.08 -6.95
N MET B 185 12.69 -1.07 -7.60
CA MET B 185 11.48 -1.87 -7.79
C MET B 185 11.73 -3.32 -7.37
N PHE B 186 10.70 -4.01 -6.94
CA PHE B 186 10.80 -5.48 -6.89
C PHE B 186 9.47 -6.05 -7.40
N CYS B 187 9.43 -7.35 -7.69
CA CYS B 187 8.17 -7.91 -8.14
C CYS B 187 7.78 -9.10 -7.26
N ALA B 188 6.49 -9.37 -7.24
CA ALA B 188 5.90 -10.43 -6.43
C ALA B 188 4.74 -11.10 -7.16
N GLY B 189 4.49 -12.37 -6.83
CA GLY B 189 3.37 -13.10 -7.41
C GLY B 189 3.77 -14.54 -7.63
N TYR B 190 2.78 -15.40 -7.87
CA TYR B 190 3.08 -16.80 -8.14
C TYR B 190 3.42 -17.01 -9.62
N LYS B 191 4.27 -18.00 -9.83
CA LYS B 191 4.60 -18.40 -11.19
C LYS B 191 3.50 -19.32 -11.71
N PRO B 192 3.32 -19.39 -13.02
CA PRO B 192 2.26 -20.24 -13.59
C PRO B 192 2.32 -21.66 -13.11
N ASP B 193 3.51 -22.21 -12.86
CA ASP B 193 3.52 -23.61 -12.42
C ASP B 193 3.25 -23.75 -10.93
N GLU B 194 3.15 -22.63 -10.21
CA GLU B 194 2.95 -22.72 -8.77
C GLU B 194 1.49 -22.88 -8.38
N GLY B 195 0.55 -22.79 -9.33
CA GLY B 195 -0.83 -23.06 -9.03
C GLY B 195 -1.63 -21.93 -8.43
N LYS B 196 -1.23 -21.46 -7.25
CA LYS B 196 -1.94 -20.38 -6.56
C LYS B 196 -1.88 -19.11 -7.39
N ARG B 197 -2.82 -18.17 -7.20
CA ARG B 197 -2.73 -16.94 -7.99
C ARG B 197 -2.93 -15.74 -7.07
N GLY B 198 -3.13 -14.58 -7.65
CA GLY B 198 -3.36 -13.38 -6.85
C GLY B 198 -2.53 -12.22 -7.36
N ASP B 199 -3.08 -11.02 -7.22
CA ASP B 199 -2.33 -9.85 -7.71
C ASP B 199 -3.03 -8.61 -7.21
N ALA B 200 -2.29 -7.50 -7.23
CA ALA B 200 -2.90 -6.20 -7.05
C ALA B 200 -3.47 -5.80 -8.40
N CYS B 201 -4.24 -4.72 -8.47
CA CYS B 201 -4.78 -4.28 -9.75
C CYS B 201 -5.06 -2.79 -9.66
N GLU B 202 -5.62 -2.23 -10.76
CA GLU B 202 -6.03 -0.85 -10.75
CA GLU B 202 -6.00 -0.83 -10.73
C GLU B 202 -6.85 -0.52 -9.51
N GLY B 203 -6.61 0.62 -8.88
CA GLY B 203 -7.30 1.00 -7.66
C GLY B 203 -6.49 0.61 -6.42
N ASP B 204 -5.61 -0.37 -6.52
CA ASP B 204 -4.76 -0.79 -5.41
C ASP B 204 -3.45 0.02 -5.32
N SER B 205 -3.17 0.74 -6.38
CA SER B 205 -2.09 1.70 -6.52
C SER B 205 -1.88 2.46 -5.20
N GLY B 206 -0.62 2.53 -4.76
CA GLY B 206 -0.25 3.32 -3.62
C GLY B 206 -0.37 2.57 -2.31
N GLY B 207 -1.03 1.41 -2.32
CA GLY B 207 -1.22 0.67 -1.04
C GLY B 207 0.07 -0.08 -0.70
N PRO B 208 0.08 -0.58 0.53
CA PRO B 208 1.28 -1.24 1.06
C PRO B 208 1.45 -2.72 0.73
N PHE B 209 2.70 -3.14 0.49
CA PHE B 209 3.15 -4.51 0.51
C PHE B 209 3.86 -4.69 1.87
N VAL B 210 3.30 -5.47 2.79
CA VAL B 210 3.91 -5.52 4.14
C VAL B 210 4.39 -6.93 4.45
N MET B 211 5.36 -7.01 5.36
CA MET B 211 5.84 -8.32 5.84
C MET B 211 5.93 -8.30 7.36
N LYS B 212 5.63 -9.44 7.97
CA LYS B 212 5.71 -9.45 9.45
C LYS B 212 7.07 -10.01 9.86
N SER B 213 7.90 -9.15 10.46
CA SER B 213 9.20 -9.66 10.84
C SER B 213 9.13 -10.81 11.85
N PRO B 214 9.83 -11.92 11.61
CA PRO B 214 9.84 -13.01 12.58
C PRO B 214 10.77 -12.76 13.76
N PHE B 215 11.53 -11.68 13.67
CA PHE B 215 12.49 -11.31 14.71
C PHE B 215 11.84 -10.53 15.84
N ASN B 216 10.97 -9.58 15.50
CA ASN B 216 10.32 -8.78 16.53
C ASN B 216 8.79 -8.72 16.42
N ASN B 217 8.24 -9.49 15.50
CA ASN B 217 6.80 -9.67 15.29
C ASN B 217 6.09 -8.36 14.98
N ARG B 218 6.81 -7.47 14.30
CA ARG B 218 6.23 -6.21 13.87
C ARG B 218 6.05 -6.22 12.35
N TRP B 219 5.05 -5.51 11.85
CA TRP B 219 4.78 -5.35 10.44
C TRP B 219 5.55 -4.17 9.86
N TYR B 220 6.24 -4.45 8.76
CA TYR B 220 7.02 -3.49 8.04
C TYR B 220 6.51 -3.29 6.61
N GLN B 221 6.49 -2.03 6.18
CA GLN B 221 6.11 -1.80 4.77
C GLN B 221 7.32 -1.85 3.84
N MET B 222 7.43 -2.96 3.08
CA MET B 222 8.57 -3.13 2.20
C MET B 222 8.31 -2.58 0.81
N GLY B 223 7.03 -2.54 0.39
CA GLY B 223 6.75 -2.06 -0.97
C GLY B 223 5.53 -1.16 -1.05
N ILE B 224 5.41 -0.52 -2.22
CA ILE B 224 4.21 0.24 -2.58
C ILE B 224 3.65 -0.30 -3.89
N VAL B 225 2.36 -0.61 -3.99
CA VAL B 225 1.81 -1.07 -5.26
C VAL B 225 2.07 -0.05 -6.35
N SER B 226 2.76 -0.45 -7.42
CA SER B 226 3.22 0.53 -8.41
C SER B 226 2.65 0.24 -9.78
N TRP B 227 2.92 -0.92 -10.39
CA TRP B 227 2.50 -1.14 -11.76
C TRP B 227 2.48 -2.63 -12.08
N GLY B 228 1.87 -2.95 -13.22
CA GLY B 228 1.67 -4.31 -13.67
C GLY B 228 1.11 -4.26 -15.11
N GLU B 229 1.23 -5.37 -15.80
CA GLU B 229 0.65 -5.47 -17.15
C GLU B 229 -0.51 -6.46 -17.05
N GLY B 230 -1.69 -5.85 -17.07
CA GLY B 230 -2.93 -6.57 -16.79
C GLY B 230 -2.95 -6.86 -15.29
N CYS B 231 -3.80 -7.78 -14.87
CA CYS B 231 -3.80 -8.14 -13.45
C CYS B 231 -3.94 -9.66 -13.34
N ASP B 232 -3.07 -10.30 -12.56
CA ASP B 232 -3.13 -11.73 -12.31
C ASP B 232 -2.98 -12.51 -13.62
N ARG B 233 -2.28 -11.98 -14.62
CA ARG B 233 -2.02 -12.78 -15.81
C ARG B 233 -0.92 -13.79 -15.54
N ASP B 234 -1.04 -14.97 -16.16
CA ASP B 234 0.04 -15.97 -16.08
C ASP B 234 1.33 -15.42 -16.67
N GLY B 235 2.47 -15.63 -16.00
CA GLY B 235 3.76 -15.18 -16.46
C GLY B 235 4.03 -13.70 -16.23
N LYS B 236 3.09 -12.97 -15.65
CA LYS B 236 3.27 -11.55 -15.30
C LYS B 236 3.34 -11.43 -13.78
N TYR B 237 3.94 -10.35 -13.28
CA TYR B 237 4.11 -10.19 -11.84
C TYR B 237 3.74 -8.77 -11.48
N GLY B 238 3.36 -8.55 -10.22
CA GLY B 238 3.14 -7.18 -9.79
C GLY B 238 4.47 -6.53 -9.41
N PHE B 239 4.55 -5.23 -9.71
CA PHE B 239 5.75 -4.46 -9.39
C PHE B 239 5.44 -3.43 -8.30
N TYR B 240 6.40 -3.34 -7.37
CA TYR B 240 6.27 -2.58 -6.14
C TYR B 240 7.46 -1.66 -5.98
N THR B 241 7.20 -0.43 -5.55
CA THR B 241 8.31 0.44 -5.18
C THR B 241 9.08 -0.10 -3.98
N HIS B 242 10.39 -0.13 -4.06
CA HIS B 242 11.26 -0.63 -2.98
C HIS B 242 11.44 0.43 -1.92
N VAL B 243 10.63 0.40 -0.87
CA VAL B 243 10.61 1.43 0.17
C VAL B 243 11.98 1.63 0.79
N PHE B 244 12.69 0.55 1.13
CA PHE B 244 13.97 0.76 1.80
C PHE B 244 14.94 1.53 0.91
N ARG B 245 14.96 1.23 -0.38
CA ARG B 245 15.93 1.93 -1.23
C ARG B 245 15.65 3.41 -1.31
N LEU B 246 14.43 3.86 -1.00
CA LEU B 246 14.12 5.28 -1.16
C LEU B 246 13.97 5.94 0.21
N LYS B 247 14.44 5.26 1.26
CA LYS B 247 14.15 5.69 2.62
C LYS B 247 14.92 6.95 3.00
N LYS B 248 16.05 7.13 2.34
CA LYS B 248 16.82 8.34 2.65
C LYS B 248 16.03 9.57 2.22
N TRP B 249 15.30 9.45 1.10
CA TRP B 249 14.46 10.56 0.66
C TRP B 249 13.31 10.76 1.65
N ILE B 250 12.69 9.66 2.07
CA ILE B 250 11.59 9.71 3.02
C ILE B 250 11.97 10.47 4.28
N GLN B 251 13.13 10.14 4.82
CA GLN B 251 13.57 10.71 6.11
C GLN B 251 13.99 12.16 5.97
N LYS B 252 14.60 12.50 4.85
CA LYS B 252 14.94 13.88 4.54
C LYS B 252 13.67 14.72 4.53
N VAL B 253 12.60 14.23 3.88
CA VAL B 253 11.38 15.04 3.82
C VAL B 253 10.79 15.23 5.20
N ILE B 254 10.69 14.11 5.93
CA ILE B 254 10.03 14.26 7.24
C ILE B 254 10.93 15.07 8.17
N ASP B 255 12.25 14.89 8.11
CA ASP B 255 13.17 15.70 8.90
C ASP B 255 13.22 17.18 8.54
N GLN B 256 13.02 17.54 7.28
CA GLN B 256 12.97 18.93 6.84
C GLN B 256 11.58 19.51 7.05
N PHE B 257 10.53 18.72 6.83
CA PHE B 257 9.17 19.32 6.87
C PHE B 257 8.36 18.88 8.07
N GLY B 258 8.87 17.95 8.88
CA GLY B 258 8.19 17.59 10.11
C GLY B 258 7.41 16.30 10.04
N GLY C 1 -19.37 6.71 -8.08
CA GLY C 1 -20.81 6.89 -8.15
C GLY C 1 -21.57 6.21 -7.02
N ASP C 2 -20.99 5.18 -6.44
CA ASP C 2 -21.59 4.34 -5.40
C ASP C 2 -21.11 4.72 -4.01
N PHE C 3 -20.41 5.85 -3.90
CA PHE C 3 -19.91 6.19 -2.57
C PHE C 3 -20.95 6.88 -1.72
N GLU C 4 -21.13 6.35 -0.50
CA GLU C 4 -21.96 7.07 0.45
C GLU C 4 -21.33 8.43 0.70
N GLU C 5 -22.16 9.42 0.93
CA GLU C 5 -21.78 10.81 1.09
C GLU C 5 -21.06 11.02 2.41
N ILE C 6 -20.05 11.90 2.42
CA ILE C 6 -19.34 12.11 3.69
C ILE C 6 -19.86 13.38 4.35
N PRO C 7 -19.67 13.51 5.66
CA PRO C 7 -20.08 14.74 6.36
C PRO C 7 -19.52 15.97 5.66
N GLU C 8 -20.39 16.96 5.52
CA GLU C 8 -20.08 18.13 4.70
C GLU C 8 -18.88 18.84 5.29
N GLU C 9 -18.69 18.69 6.60
CA GLU C 9 -17.56 19.38 7.21
C GLU C 9 -16.22 18.98 6.60
N TYS C 10 -16.16 17.83 5.98
CA TYS C 10 -14.85 17.37 5.40
CB TYS C 10 -14.79 15.83 5.35
CG TYS C 10 -14.86 15.27 6.75
CD1 TYS C 10 -13.85 15.54 7.70
CD2 TYS C 10 -15.88 14.35 7.04
CE1 TYS C 10 -13.95 15.00 9.01
CE2 TYS C 10 -15.97 13.80 8.33
CZ TYS C 10 -15.01 14.12 9.33
OH TYS C 10 -15.11 13.57 10.57
S TYS C 10 -14.50 12.17 10.80
O1 TYS C 10 -12.97 12.31 10.78
O2 TYS C 10 -14.81 11.92 12.18
O3 TYS C 10 -14.95 11.26 9.80
C TYS C 10 -14.58 17.89 4.00
O TYS C 10 -13.43 17.99 3.63
N LEU C 11 -15.63 18.38 3.33
CA LEU C 11 -15.42 18.94 1.99
C LEU C 11 -15.33 20.45 2.02
NA NA D . 0.88 -13.65 -12.68
NA NA E . 12.67 -8.13 -20.22
P PO4 F . 16.04 7.02 -14.42
O1 PO4 F . 15.40 8.36 -13.79
O2 PO4 F . 15.08 5.96 -14.21
O3 PO4 F . 16.32 7.25 -15.69
O4 PO4 F . 17.21 6.78 -13.62
N13 32U G . 0.03 -1.09 -17.23
C5 32U G . 1.01 0.00 -16.96
C14 32U G . 0.91 0.50 -15.55
O32 32U G . 0.96 -0.32 -14.64
C33 32U G . 2.45 -0.48 -17.31
C6 32U G . 3.42 0.69 -17.27
C8 32U G . 3.42 1.66 -18.27
C12 32U G . 4.34 0.80 -16.23
C9 32U G . 4.33 2.72 -18.22
C11 32U G . 5.24 1.85 -16.17
C10 32U G . 5.24 2.83 -17.17
N1 32U G . 0.77 1.83 -15.25
C1 32U G . 0.65 2.24 -13.88
C7 32U G . -0.58 1.60 -13.27
O22 32U G . -1.60 1.48 -13.93
C2 32U G . 0.34 3.76 -14.06
C3 32U G . 1.15 4.08 -15.34
C4 32U G . 0.86 2.87 -16.27
N23 32U G . -0.45 1.23 -11.97
C24 32U G . -1.69 0.66 -11.40
C25 32U G . -1.43 -0.85 -11.26
C26 32U G . -1.60 -1.69 -12.36
C27 32U G . -1.38 -3.05 -12.27
C28 32U G . -0.98 -3.62 -11.06
C21 32U G . -0.72 -5.21 -10.91
N46 32U G . -0.01 -5.65 -9.89
N47 32U G . -1.18 -6.04 -11.81
C29 32U G . -0.82 -2.78 -9.96
C30 32U G . -1.04 -1.41 -10.04
#